data_4HAO
#
_entry.id   4HAO
#
_cell.length_a   138.091
_cell.length_b   65.160
_cell.length_c   86.386
_cell.angle_alpha   90.00
_cell.angle_beta   124.95
_cell.angle_gamma   90.00
#
_symmetry.space_group_name_H-M   'C 1 2 1'
#
loop_
_entity.id
_entity.type
_entity.pdbx_description
1 polymer 'Probable inorganic polyphosphate/ATP-NAD kinase'
2 non-polymer 'ACETIC ACID'
3 non-polymer 'SULFATE ION'
4 water water
#
_entity_poly.entity_id   1
_entity_poly.type   'polypeptide(L)'
_entity_poly.pdbx_seq_one_letter_code
;MNNRRFDCIGIVGHPRHPAALATHEILYHWLKARGYAVMVEQQIAHDLNLTDAITGSLADIGQKADLAVVVGGDGNMLGA
ARVLARYDIKVIGVNRGNLGFLTDLDPDNALQQLSDVLEGEYLSEQRFLLETHVRRTNQQSRISTAINEVVLHPGKVAHM
IEFEVYIDDRFAFSQRSDGLIIATPTGSTAYSLSAGGPILTPTLDAIVLVPMFPHTLTARPLVISSSSTIRLKFSHITSD
LEISCDSQIALPIQEGEEVLIRRSDFHLNLIHPKDYSYFNTLSTKLGWSKKLFENLYFHHHHHH
;
_entity_poly.pdbx_strand_id   A,B
#
loop_
_chem_comp.id
_chem_comp.type
_chem_comp.name
_chem_comp.formula
ACY non-polymer 'ACETIC ACID' 'C2 H4 O2'
SO4 non-polymer 'SULFATE ION' 'O4 S -2'
#
# COMPACT_ATOMS: atom_id res chain seq x y z
N ARG A 5 -24.31 11.02 1.13
CA ARG A 5 -25.42 10.07 1.11
C ARG A 5 -24.99 8.69 0.59
N PHE A 6 -25.75 7.67 0.98
CA PHE A 6 -25.44 6.30 0.60
C PHE A 6 -26.57 5.69 -0.23
N ASP A 7 -26.28 5.27 -1.45
CA ASP A 7 -27.34 4.73 -2.31
C ASP A 7 -27.67 3.25 -2.01
N CYS A 8 -26.63 2.45 -1.82
CA CYS A 8 -26.82 1.03 -1.65
C CYS A 8 -26.28 0.57 -0.30
N ILE A 9 -27.18 0.17 0.59
CA ILE A 9 -26.77 -0.36 1.89
C ILE A 9 -26.83 -1.89 1.90
N GLY A 10 -25.80 -2.50 2.46
CA GLY A 10 -25.70 -3.95 2.58
C GLY A 10 -25.82 -4.42 4.01
N ILE A 11 -26.51 -5.53 4.22
CA ILE A 11 -26.61 -6.08 5.56
C ILE A 11 -25.79 -7.33 5.66
N VAL A 12 -24.89 -7.36 6.63
CA VAL A 12 -23.89 -8.41 6.75
C VAL A 12 -24.01 -8.99 8.15
N GLY A 13 -23.63 -10.24 8.31
CA GLY A 13 -23.72 -10.90 9.58
C GLY A 13 -24.22 -12.30 9.37
N HIS A 14 -24.11 -13.13 10.40
CA HIS A 14 -24.61 -14.48 10.34
C HIS A 14 -25.36 -14.74 11.65
N PRO A 15 -26.69 -14.62 11.61
CA PRO A 15 -27.55 -14.87 12.78
C PRO A 15 -27.86 -16.34 13.00
N HIS A 17 -27.62 -17.72 16.34
CA HIS A 17 -28.87 -18.08 17.02
C HIS A 17 -30.03 -17.26 16.46
N PRO A 18 -31.25 -17.83 16.49
CA PRO A 18 -32.39 -17.30 15.71
C PRO A 18 -33.08 -15.98 16.14
N ALA A 19 -32.78 -15.40 17.30
CA ALA A 19 -33.45 -14.16 17.71
C ALA A 19 -32.71 -12.90 17.28
N ALA A 20 -31.53 -13.08 16.69
CA ALA A 20 -30.74 -12.01 16.10
C ALA A 20 -31.32 -11.68 14.73
N LEU A 21 -32.18 -12.57 14.27
CA LEU A 21 -32.81 -12.47 12.96
C LEU A 21 -33.77 -11.29 12.87
N ALA A 22 -34.51 -11.04 13.95
CA ALA A 22 -35.41 -9.89 14.00
C ALA A 22 -34.68 -8.60 13.64
N THR A 23 -33.49 -8.43 14.20
CA THR A 23 -32.68 -7.24 13.92
C THR A 23 -32.43 -7.07 12.44
N HIS A 24 -31.94 -8.13 11.79
CA HIS A 24 -31.81 -8.16 10.35
C HIS A 24 -33.12 -7.88 9.65
N GLU A 25 -34.20 -8.50 10.12
CA GLU A 25 -35.51 -8.31 9.51
C GLU A 25 -36.00 -6.88 9.64
N ILE A 26 -35.90 -6.31 10.84
CA ILE A 26 -36.34 -4.95 11.08
C ILE A 26 -35.55 -3.95 10.24
N LEU A 27 -34.24 -4.12 10.21
CA LEU A 27 -33.33 -3.20 9.52
C LEU A 27 -33.57 -3.20 8.01
N TYR A 28 -33.90 -4.38 7.49
CA TYR A 28 -34.03 -4.55 6.06
C TYR A 28 -35.30 -3.87 5.60
N HIS A 29 -36.36 -4.00 6.38
CA HIS A 29 -37.61 -3.35 6.02
C HIS A 29 -37.54 -1.83 6.21
N TRP A 30 -36.90 -1.41 7.30
CA TRP A 30 -36.71 -0.01 7.63
C TRP A 30 -35.89 0.67 6.55
N LEU A 31 -34.74 0.09 6.22
CA LEU A 31 -33.86 0.63 5.19
C LEU A 31 -34.62 0.73 3.89
N LYS A 32 -35.42 -0.30 3.63
CA LYS A 32 -36.16 -0.39 2.39
C LYS A 32 -37.24 0.67 2.32
N ALA A 33 -38.04 0.80 3.37
CA ALA A 33 -39.15 1.74 3.33
C ALA A 33 -38.65 3.19 3.25
N ARG A 34 -37.39 3.41 3.61
CA ARG A 34 -36.77 4.73 3.53
C ARG A 34 -36.16 5.01 2.16
N GLY A 35 -36.35 4.06 1.24
CA GLY A 35 -36.01 4.27 -0.16
C GLY A 35 -34.68 3.72 -0.64
N TYR A 36 -33.93 3.07 0.22
CA TYR A 36 -32.61 2.57 -0.16
C TYR A 36 -32.67 1.27 -0.97
N ALA A 37 -31.67 1.05 -1.82
CA ALA A 37 -31.44 -0.26 -2.41
C ALA A 37 -30.67 -1.07 -1.38
N VAL A 38 -31.13 -2.28 -1.10
CA VAL A 38 -30.50 -3.11 -0.07
C VAL A 38 -29.99 -4.45 -0.59
N MET A 39 -28.74 -4.76 -0.25
CA MET A 39 -28.17 -6.08 -0.51
C MET A 39 -28.02 -6.82 0.79
N VAL A 40 -28.69 -7.93 0.92
CA VAL A 40 -28.52 -8.76 2.11
C VAL A 40 -27.52 -9.89 1.81
N GLU A 41 -26.88 -10.44 2.83
CA GLU A 41 -26.02 -11.58 2.59
C GLU A 41 -26.89 -12.81 2.26
N GLN A 42 -26.39 -13.67 1.38
CA GLN A 42 -27.12 -14.84 0.93
C GLN A 42 -27.77 -15.68 2.03
N GLN A 43 -27.04 -15.91 3.12
N GLN A 43 -27.04 -15.93 3.13
CA GLN A 43 -27.52 -16.74 4.23
CA GLN A 43 -27.56 -16.77 4.20
C GLN A 43 -28.75 -16.13 4.90
C GLN A 43 -28.74 -16.14 4.92
N ILE A 44 -28.70 -14.82 5.10
CA ILE A 44 -29.76 -14.10 5.78
C ILE A 44 -31.00 -13.98 4.92
N ALA A 45 -30.81 -13.79 3.61
CA ALA A 45 -31.93 -13.81 2.69
C ALA A 45 -32.65 -15.15 2.83
N HIS A 46 -31.87 -16.23 2.88
CA HIS A 46 -32.45 -17.56 3.02
C HIS A 46 -33.11 -17.71 4.38
N ASP A 47 -32.43 -17.24 5.43
CA ASP A 47 -32.93 -17.41 6.79
C ASP A 47 -34.22 -16.63 7.03
N LEU A 48 -34.34 -15.45 6.41
CA LEU A 48 -35.53 -14.63 6.57
C LEU A 48 -36.54 -14.82 5.44
N ASN A 49 -36.21 -15.68 4.48
CA ASN A 49 -37.06 -15.89 3.32
C ASN A 49 -37.39 -14.58 2.59
N LEU A 50 -36.36 -13.79 2.31
CA LEU A 50 -36.53 -12.54 1.58
C LEU A 50 -36.48 -12.78 0.05
N THR A 51 -37.63 -13.12 -0.51
CA THR A 51 -37.74 -13.46 -1.93
C THR A 51 -37.43 -12.30 -2.88
N ASP A 52 -37.75 -11.09 -2.45
CA ASP A 52 -37.51 -9.89 -3.24
C ASP A 52 -36.10 -9.34 -3.07
N ALA A 53 -35.45 -9.67 -1.97
CA ALA A 53 -34.16 -9.07 -1.65
C ALA A 53 -33.10 -9.31 -2.73
N ILE A 54 -32.29 -8.28 -2.94
CA ILE A 54 -31.06 -8.37 -3.70
C ILE A 54 -30.04 -8.96 -2.75
N THR A 55 -29.40 -10.03 -3.15
CA THR A 55 -28.45 -10.70 -2.26
C THR A 55 -27.08 -10.64 -2.89
N GLY A 56 -26.11 -11.23 -2.19
CA GLY A 56 -24.77 -11.30 -2.69
C GLY A 56 -23.88 -11.90 -1.63
N SER A 57 -22.72 -12.38 -2.05
CA SER A 57 -21.67 -12.72 -1.12
C SER A 57 -21.16 -11.43 -0.47
N LEU A 58 -20.20 -11.59 0.43
CA LEU A 58 -19.62 -10.49 1.19
C LEU A 58 -18.78 -9.65 0.27
N ALA A 59 -18.04 -10.31 -0.60
CA ALA A 59 -17.25 -9.61 -1.61
C ALA A 59 -18.13 -8.79 -2.56
N ASP A 60 -19.29 -9.36 -2.95
CA ASP A 60 -20.28 -8.67 -3.78
C ASP A 60 -20.78 -7.37 -3.15
N ILE A 61 -21.29 -7.47 -1.93
CA ILE A 61 -21.74 -6.32 -1.15
C ILE A 61 -20.59 -5.34 -1.02
N GLY A 62 -19.39 -5.87 -0.83
CA GLY A 62 -18.22 -5.03 -0.66
C GLY A 62 -17.87 -4.21 -1.89
N GLN A 63 -18.29 -4.70 -3.06
CA GLN A 63 -17.97 -4.05 -4.33
C GLN A 63 -19.11 -3.17 -4.82
N LYS A 64 -20.33 -3.47 -4.38
CA LYS A 64 -21.49 -2.80 -4.94
C LYS A 64 -22.26 -1.93 -3.94
N ALA A 65 -22.08 -2.17 -2.64
CA ALA A 65 -22.74 -1.36 -1.62
C ALA A 65 -21.87 -0.18 -1.18
N ASP A 66 -22.52 0.90 -0.74
CA ASP A 66 -21.80 2.12 -0.32
C ASP A 66 -21.53 2.10 1.18
N LEU A 67 -22.33 1.30 1.88
CA LEU A 67 -22.24 1.13 3.32
C LEU A 67 -22.66 -0.29 3.67
N ALA A 68 -21.90 -0.93 4.55
CA ALA A 68 -22.28 -2.22 5.08
C ALA A 68 -22.60 -2.10 6.58
N VAL A 69 -23.81 -2.45 6.94
CA VAL A 69 -24.15 -2.56 8.35
C VAL A 69 -23.90 -3.98 8.82
N VAL A 70 -22.82 -4.15 9.57
CA VAL A 70 -22.50 -5.42 10.17
C VAL A 70 -23.26 -5.59 11.47
N VAL A 71 -24.26 -6.45 11.47
CA VAL A 71 -25.00 -6.80 12.68
C VAL A 71 -24.27 -7.92 13.42
N GLY A 72 -24.21 -7.87 14.75
CA GLY A 72 -23.61 -8.94 15.52
C GLY A 72 -22.58 -8.46 16.53
N GLY A 73 -21.69 -9.34 16.95
CA GLY A 73 -20.64 -8.95 17.88
C GLY A 73 -19.33 -8.59 17.21
N ASP A 74 -18.31 -8.26 18.01
CA ASP A 74 -16.99 -7.92 17.50
C ASP A 74 -16.36 -9.10 16.71
N GLY A 75 -16.75 -10.32 17.04
CA GLY A 75 -16.21 -11.51 16.39
C GLY A 75 -16.78 -11.70 14.99
N ASN A 76 -18.07 -11.41 14.86
CA ASN A 76 -18.74 -11.38 13.58
C ASN A 76 -18.05 -10.34 12.70
N MET A 77 -17.81 -9.16 13.28
CA MET A 77 -17.13 -8.08 12.59
C MET A 77 -15.73 -8.51 12.10
N LEU A 78 -15.11 -9.45 12.80
CA LEU A 78 -13.73 -9.82 12.48
C LEU A 78 -13.53 -10.41 11.10
N GLY A 79 -14.33 -11.41 10.74
CA GLY A 79 -14.24 -12.00 9.43
C GLY A 79 -14.77 -11.05 8.36
N ALA A 80 -15.84 -10.34 8.71
CA ALA A 80 -16.48 -9.40 7.81
C ALA A 80 -15.51 -8.28 7.46
N ALA A 81 -14.78 -7.80 8.45
CA ALA A 81 -13.94 -6.61 8.28
C ALA A 81 -12.74 -6.93 7.41
N ARG A 82 -12.18 -8.10 7.59
CA ARG A 82 -11.00 -8.51 6.84
C ARG A 82 -11.30 -8.54 5.33
N VAL A 83 -12.54 -8.84 4.96
CA VAL A 83 -12.96 -8.80 3.58
C VAL A 83 -13.33 -7.39 3.13
N LEU A 84 -14.28 -6.76 3.83
CA LEU A 84 -14.73 -5.42 3.46
C LEU A 84 -13.60 -4.37 3.40
N ALA A 85 -12.48 -4.67 4.08
CA ALA A 85 -11.31 -3.77 4.06
C ALA A 85 -10.56 -3.82 2.72
N ARG A 86 -10.90 -4.80 1.88
CA ARG A 86 -10.29 -4.91 0.56
C ARG A 86 -10.93 -3.92 -0.39
N TYR A 87 -11.96 -3.22 0.09
CA TYR A 87 -12.80 -2.37 -0.72
C TYR A 87 -13.02 -1.00 -0.11
N ASP A 88 -13.45 -0.04 -0.93
CA ASP A 88 -13.73 1.30 -0.46
C ASP A 88 -15.18 1.43 -0.05
N ILE A 89 -15.58 0.64 0.94
CA ILE A 89 -16.92 0.72 1.47
C ILE A 89 -16.90 1.15 2.94
N LYS A 90 -17.86 1.99 3.30
CA LYS A 90 -18.06 2.38 4.68
C LYS A 90 -18.68 1.23 5.45
N VAL A 91 -18.13 0.97 6.63
CA VAL A 91 -18.57 -0.10 7.49
C VAL A 91 -18.95 0.43 8.88
N ILE A 92 -20.14 0.05 9.35
CA ILE A 92 -20.56 0.40 10.70
C ILE A 92 -21.25 -0.82 11.30
N GLY A 93 -21.16 -1.00 12.62
CA GLY A 93 -21.71 -2.19 13.25
C GLY A 93 -22.76 -2.00 14.33
N VAL A 94 -23.71 -2.92 14.41
CA VAL A 94 -24.64 -2.92 15.52
C VAL A 94 -24.24 -4.02 16.45
N ASN A 95 -23.90 -3.68 17.67
CA ASN A 95 -23.54 -4.70 18.63
C ASN A 95 -24.76 -5.36 19.21
N ARG A 96 -24.54 -6.15 20.26
CA ARG A 96 -25.60 -6.79 21.02
C ARG A 96 -25.32 -6.54 22.48
N GLY A 97 -26.00 -5.54 23.04
CA GLY A 97 -25.82 -5.18 24.43
C GLY A 97 -24.89 -3.99 24.58
N ASN A 98 -23.70 -4.24 25.11
CA ASN A 98 -22.75 -3.17 25.36
C ASN A 98 -21.95 -2.80 24.11
N LEU A 99 -21.22 -1.69 24.21
CA LEU A 99 -20.38 -1.21 23.11
C LEU A 99 -19.20 -2.16 22.87
N GLY A 100 -18.72 -2.20 21.63
CA GLY A 100 -17.47 -2.89 21.32
C GLY A 100 -16.56 -1.92 20.61
N PHE A 101 -15.31 -2.31 20.36
CA PHE A 101 -14.35 -1.43 19.71
C PHE A 101 -14.55 -1.25 18.20
N LEU A 102 -15.44 -2.04 17.61
CA LEU A 102 -15.72 -1.87 16.19
C LEU A 102 -17.22 -1.72 15.94
N THR A 103 -18.00 -1.93 17.00
CA THR A 103 -19.45 -1.87 16.92
C THR A 103 -19.97 -0.86 17.93
N ASP A 104 -20.46 0.28 17.47
CA ASP A 104 -20.88 1.30 18.41
C ASP A 104 -22.36 1.70 18.38
N LEU A 105 -23.14 1.08 17.50
CA LEU A 105 -24.59 1.24 17.53
C LEU A 105 -25.24 0.30 18.53
N ASP A 106 -25.73 0.88 19.64
CA ASP A 106 -26.47 0.11 20.63
C ASP A 106 -27.82 -0.26 20.06
N PRO A 107 -28.26 -1.50 20.30
CA PRO A 107 -29.52 -1.96 19.71
C PRO A 107 -30.71 -1.11 20.18
N ASP A 108 -30.65 -0.57 21.38
CA ASP A 108 -31.76 0.18 21.93
C ASP A 108 -32.01 1.48 21.18
N ASN A 109 -31.02 1.92 20.43
CA ASN A 109 -31.09 3.21 19.76
C ASN A 109 -30.48 3.15 18.36
N ALA A 110 -30.38 1.95 17.81
CA ALA A 110 -29.69 1.73 16.54
C ALA A 110 -30.32 2.53 15.38
N LEU A 111 -31.63 2.39 15.20
CA LEU A 111 -32.30 3.02 14.07
C LEU A 111 -32.15 4.53 14.12
N GLN A 112 -32.40 5.11 15.29
N GLN A 112 -32.42 5.13 15.27
CA GLN A 112 -32.31 6.54 15.49
CA GLN A 112 -32.31 6.56 15.43
C GLN A 112 -30.92 7.06 15.16
C GLN A 112 -30.91 7.05 15.11
N GLN A 113 -29.90 6.37 15.66
CA GLN A 113 -28.52 6.76 15.41
C GLN A 113 -28.13 6.54 13.94
N LEU A 114 -28.59 5.42 13.38
CA LEU A 114 -28.31 5.10 11.99
C LEU A 114 -28.99 6.11 11.07
N SER A 115 -30.22 6.48 11.43
CA SER A 115 -30.95 7.49 10.70
C SER A 115 -30.14 8.80 10.57
N ASP A 116 -29.48 9.23 11.65
CA ASP A 116 -28.63 10.39 11.59
C ASP A 116 -27.36 10.13 10.75
N VAL A 117 -26.78 8.93 10.89
CA VAL A 117 -25.64 8.54 10.05
C VAL A 117 -25.94 8.60 8.55
N LEU A 118 -27.09 8.09 8.15
CA LEU A 118 -27.50 8.16 6.75
C LEU A 118 -27.65 9.62 6.28
N GLU A 119 -28.03 10.51 7.19
CA GLU A 119 -28.11 11.94 6.88
C GLU A 119 -26.72 12.52 6.63
N GLY A 120 -25.70 11.79 7.04
CA GLY A 120 -24.34 12.25 6.84
C GLY A 120 -23.69 12.75 8.12
N GLU A 121 -24.25 12.37 9.25
CA GLU A 121 -23.70 12.74 10.55
C GLU A 121 -22.83 11.64 11.14
N TYR A 122 -21.62 11.49 10.62
CA TYR A 122 -20.74 10.42 11.04
C TYR A 122 -19.27 10.80 11.09
N LEU A 123 -18.55 10.14 11.99
CA LEU A 123 -17.12 10.31 12.11
C LEU A 123 -16.43 9.16 11.37
N SER A 124 -15.66 9.49 10.35
CA SER A 124 -15.03 8.49 9.49
C SER A 124 -13.55 8.26 9.78
N GLU A 125 -13.16 7.02 10.05
CA GLU A 125 -11.75 6.73 10.30
C GLU A 125 -11.24 5.41 9.70
N GLN A 126 -9.93 5.25 9.66
CA GLN A 126 -9.32 4.16 8.93
C GLN A 126 -8.48 3.30 9.84
N ARG A 127 -8.86 2.03 9.98
CA ARG A 127 -8.05 1.08 10.74
C ARG A 127 -7.17 0.36 9.75
N PHE A 128 -5.89 0.23 10.04
CA PHE A 128 -5.03 -0.50 9.14
C PHE A 128 -4.96 -1.97 9.53
N LEU A 129 -4.65 -2.80 8.55
CA LEU A 129 -4.54 -4.24 8.74
C LEU A 129 -3.08 -4.72 8.72
N LEU A 130 -2.87 -5.95 9.16
CA LEU A 130 -1.55 -6.61 9.03
C LEU A 130 -1.55 -7.60 7.85
N GLU A 131 -0.38 -7.75 7.21
CA GLU A 131 -0.19 -8.70 6.12
C GLU A 131 0.94 -9.67 6.47
N THR A 132 0.75 -10.95 6.16
CA THR A 132 1.76 -11.97 6.44
C THR A 132 2.13 -12.81 5.22
N HIS A 133 3.43 -12.96 4.97
CA HIS A 133 3.91 -13.93 3.99
C HIS A 133 4.66 -15.01 4.73
N VAL A 134 4.58 -16.23 4.23
CA VAL A 134 5.53 -17.26 4.61
C VAL A 134 6.22 -17.71 3.33
N ARG A 135 7.53 -17.75 3.35
CA ARG A 135 8.31 -17.99 2.13
C ARG A 135 9.39 -19.05 2.35
N SER A 141 4.33 -18.19 -2.06
CA SER A 141 4.16 -17.29 -0.92
C SER A 141 2.68 -17.22 -0.53
N ARG A 142 2.38 -17.62 0.71
CA ARG A 142 1.03 -17.54 1.26
C ARG A 142 0.81 -16.16 1.81
N ILE A 143 -0.29 -15.51 1.42
CA ILE A 143 -0.55 -14.14 1.87
C ILE A 143 -1.87 -14.04 2.66
N SER A 144 -1.77 -13.82 3.97
CA SER A 144 -2.94 -13.74 4.83
C SER A 144 -2.96 -12.42 5.58
N THR A 145 -4.13 -11.96 6.01
CA THR A 145 -4.23 -10.66 6.68
C THR A 145 -4.93 -10.70 8.04
N ALA A 146 -4.78 -9.64 8.82
CA ALA A 146 -5.37 -9.61 10.16
C ALA A 146 -5.72 -8.19 10.60
N ILE A 147 -6.89 -8.06 11.21
CA ILE A 147 -7.32 -6.79 11.77
C ILE A 147 -6.82 -6.63 13.22
N ASN A 148 -6.82 -7.72 13.98
CA ASN A 148 -6.36 -7.71 15.36
C ASN A 148 -4.90 -8.07 15.55
N GLU A 149 -4.51 -9.29 15.23
CA GLU A 149 -3.12 -9.64 15.46
C GLU A 149 -2.70 -10.88 14.68
N VAL A 150 -1.39 -10.99 14.49
CA VAL A 150 -0.75 -12.19 13.99
C VAL A 150 -0.07 -12.83 15.21
N VAL A 151 -0.18 -14.15 15.36
CA VAL A 151 0.42 -14.82 16.51
C VAL A 151 1.26 -16.01 16.08
N LEU A 152 2.52 -15.98 16.44
CA LEU A 152 3.44 -17.10 16.25
C LEU A 152 3.37 -18.02 17.44
N HIS A 153 3.22 -19.32 17.23
CA HIS A 153 3.11 -20.25 18.35
C HIS A 153 3.28 -21.69 17.84
N PRO A 154 3.78 -22.58 18.72
CA PRO A 154 3.93 -23.98 18.32
C PRO A 154 2.58 -24.69 18.38
N GLY A 155 2.57 -25.98 18.07
CA GLY A 155 1.36 -26.80 18.14
C GLY A 155 1.02 -27.21 19.56
N LYS A 156 1.98 -27.83 20.25
CA LYS A 156 1.85 -28.10 21.68
C LYS A 156 1.70 -26.78 22.43
N VAL A 157 0.85 -26.76 23.46
CA VAL A 157 0.57 -25.52 24.19
C VAL A 157 1.76 -24.92 24.94
N ALA A 158 2.36 -25.68 25.86
CA ALA A 158 3.45 -25.14 26.68
C ALA A 158 4.84 -25.48 26.15
N HIS A 159 5.09 -25.19 24.88
CA HIS A 159 6.34 -25.59 24.21
C HIS A 159 7.19 -24.39 23.88
N MET A 160 8.41 -24.36 24.43
CA MET A 160 9.30 -23.22 24.21
C MET A 160 9.95 -23.24 22.84
N ILE A 161 9.82 -22.14 22.10
CA ILE A 161 10.46 -22.04 20.80
C ILE A 161 11.57 -20.99 20.78
N GLU A 162 12.47 -21.06 19.81
CA GLU A 162 13.52 -20.06 19.62
C GLU A 162 13.36 -19.38 18.27
N PHE A 163 13.59 -18.08 18.21
CA PHE A 163 13.50 -17.37 16.95
C PHE A 163 14.21 -16.03 17.04
N GLU A 164 14.49 -15.44 15.89
CA GLU A 164 15.09 -14.13 15.83
C GLU A 164 14.12 -13.21 15.13
N VAL A 165 14.14 -11.96 15.54
CA VAL A 165 13.21 -10.96 15.06
C VAL A 165 13.97 -9.88 14.33
N TYR A 166 13.69 -9.71 13.04
CA TYR A 166 14.35 -8.65 12.26
C TYR A 166 13.35 -7.53 12.01
N ILE A 167 13.77 -6.30 12.33
CA ILE A 167 12.94 -5.14 12.04
C ILE A 167 13.58 -4.28 10.96
N ASP A 168 12.84 -4.09 9.86
CA ASP A 168 13.33 -3.35 8.70
C ASP A 168 14.67 -3.89 8.19
N ASP A 169 14.70 -5.20 7.98
CA ASP A 169 15.85 -5.92 7.40
C ASP A 169 17.06 -6.04 8.32
N ARG A 170 16.96 -5.52 9.54
CA ARG A 170 18.10 -5.56 10.43
C ARG A 170 17.79 -6.34 11.69
N PHE A 171 18.77 -7.09 12.18
CA PHE A 171 18.55 -7.95 13.35
C PHE A 171 18.24 -7.14 14.61
N ALA A 172 17.05 -7.33 15.16
CA ALA A 172 16.66 -6.66 16.38
C ALA A 172 17.04 -7.44 17.64
N PHE A 173 16.43 -8.60 17.85
CA PHE A 173 16.70 -9.37 19.07
C PHE A 173 16.33 -10.84 18.89
N SER A 174 16.94 -11.72 19.68
CA SER A 174 16.54 -13.12 19.74
C SER A 174 15.45 -13.29 20.78
N GLN A 175 14.87 -14.48 20.85
CA GLN A 175 13.93 -14.77 21.90
C GLN A 175 13.71 -16.26 22.12
N ARG A 176 13.58 -16.62 23.40
CA ARG A 176 13.15 -17.95 23.80
C ARG A 176 11.81 -17.78 24.50
N SER A 177 10.77 -18.42 23.99
CA SER A 177 9.43 -18.22 24.52
C SER A 177 8.43 -19.17 23.92
N ASP A 178 7.16 -18.91 24.18
CA ASP A 178 6.10 -19.76 23.67
C ASP A 178 5.36 -19.10 22.52
N GLY A 179 5.86 -17.94 22.10
CA GLY A 179 5.33 -17.28 20.93
C GLY A 179 5.38 -15.77 21.01
N LEU A 180 4.96 -15.11 19.94
CA LEU A 180 5.00 -13.68 19.85
C LEU A 180 3.65 -13.24 19.34
N ILE A 181 3.09 -12.18 19.93
CA ILE A 181 1.87 -11.60 19.43
C ILE A 181 2.25 -10.29 18.78
N ILE A 182 1.69 -10.03 17.61
CA ILE A 182 1.93 -8.78 16.90
C ILE A 182 0.59 -8.13 16.61
N ALA A 183 0.29 -7.04 17.30
CA ALA A 183 -1.05 -6.48 17.28
C ALA A 183 -1.12 -5.07 16.68
N THR A 184 -2.19 -4.81 15.95
CA THR A 184 -2.52 -3.47 15.49
C THR A 184 -3.13 -2.66 16.65
N PRO A 185 -3.30 -1.33 16.47
CA PRO A 185 -4.05 -0.58 17.47
C PRO A 185 -5.39 -1.21 17.78
N THR A 186 -6.10 -1.66 16.75
CA THR A 186 -7.38 -2.31 16.95
C THR A 186 -7.23 -3.61 17.75
N GLY A 187 -6.12 -4.32 17.54
CA GLY A 187 -5.85 -5.56 18.27
C GLY A 187 -5.40 -5.36 19.72
N SER A 188 -4.93 -4.16 20.03
CA SER A 188 -4.29 -3.88 21.32
C SER A 188 -5.23 -4.11 22.50
N THR A 189 -6.52 -3.93 22.29
CA THR A 189 -7.52 -4.18 23.32
C THR A 189 -7.99 -5.63 23.31
N ALA A 190 -7.39 -6.45 22.44
CA ALA A 190 -7.82 -7.84 22.33
C ALA A 190 -6.89 -8.82 23.04
N TYR A 191 -6.46 -9.85 22.29
CA TYR A 191 -5.63 -10.93 22.81
C TYR A 191 -4.36 -10.38 23.46
N SER A 192 -3.77 -9.39 22.80
CA SER A 192 -2.59 -8.68 23.30
C SER A 192 -2.73 -8.06 24.71
N LEU A 193 -3.87 -7.42 24.96
CA LEU A 193 -4.19 -6.90 26.27
C LEU A 193 -4.07 -8.00 27.32
N SER A 194 -4.74 -9.13 27.07
CA SER A 194 -4.79 -10.22 28.05
C SER A 194 -3.42 -10.86 28.25
N ALA A 195 -2.49 -10.57 27.34
CA ALA A 195 -1.11 -11.01 27.47
C ALA A 195 -0.22 -9.93 28.08
N GLY A 196 -0.84 -8.90 28.68
CA GLY A 196 -0.09 -7.89 29.40
C GLY A 196 0.44 -6.76 28.53
N GLY A 197 -0.08 -6.64 27.32
CA GLY A 197 0.32 -5.58 26.43
C GLY A 197 -0.44 -4.31 26.78
N PRO A 198 0.05 -3.15 26.28
CA PRO A 198 -0.55 -1.83 26.47
C PRO A 198 -1.64 -1.54 25.47
N ILE A 199 -2.57 -0.68 25.86
CA ILE A 199 -3.55 -0.13 24.93
C ILE A 199 -2.96 0.94 24.00
N LEU A 200 -3.11 0.73 22.68
CA LEU A 200 -2.79 1.79 21.71
C LEU A 200 -4.07 2.47 21.22
N THR A 201 -3.98 3.77 21.03
CA THR A 201 -5.09 4.56 20.53
C THR A 201 -5.31 4.16 19.05
N PRO A 202 -6.58 4.02 18.62
CA PRO A 202 -6.96 3.35 17.37
C PRO A 202 -6.33 3.86 16.07
N THR A 203 -6.09 5.17 15.94
CA THR A 203 -5.59 5.68 14.68
C THR A 203 -4.08 5.79 14.70
N LEU A 204 -3.46 5.35 15.78
CA LEU A 204 -2.01 5.45 15.92
C LEU A 204 -1.27 4.63 14.87
N ASP A 205 -0.21 5.21 14.30
CA ASP A 205 0.67 4.54 13.34
C ASP A 205 1.63 3.64 14.06
N ALA A 206 1.13 2.65 14.78
CA ALA A 206 2.00 1.84 15.59
C ALA A 206 1.59 0.36 15.57
N ILE A 207 2.56 -0.48 15.94
CA ILE A 207 2.34 -1.92 16.03
C ILE A 207 3.04 -2.41 17.30
N VAL A 208 2.38 -3.22 18.10
CA VAL A 208 2.99 -3.68 19.33
C VAL A 208 3.34 -5.17 19.30
N LEU A 209 4.55 -5.49 19.71
CA LEU A 209 5.01 -6.88 19.83
C LEU A 209 4.97 -7.30 21.29
N VAL A 210 4.28 -8.39 21.59
CA VAL A 210 4.16 -8.84 22.97
C VAL A 210 4.57 -10.28 23.04
N PRO A 211 5.58 -10.59 23.85
CA PRO A 211 5.99 -11.98 23.96
C PRO A 211 4.98 -12.75 24.79
N MET A 212 4.90 -14.06 24.56
CA MET A 212 4.07 -14.95 25.36
C MET A 212 4.99 -15.86 26.19
N PHE A 213 4.83 -15.83 27.50
CA PHE A 213 5.64 -16.64 28.41
C PHE A 213 7.14 -16.58 28.08
N PRO A 214 7.73 -15.38 28.08
CA PRO A 214 9.15 -15.29 27.75
C PRO A 214 10.04 -16.07 28.72
N HIS A 215 11.24 -16.42 28.28
CA HIS A 215 12.13 -17.21 29.12
C HIS A 215 12.92 -16.28 30.03
N THR A 216 13.22 -15.08 29.54
CA THR A 216 13.91 -14.09 30.36
C THR A 216 12.94 -13.09 30.97
N LEU A 217 13.27 -12.66 32.19
CA LEU A 217 12.44 -11.72 32.95
C LEU A 217 12.46 -10.29 32.40
N THR A 218 13.35 -10.00 31.47
CA THR A 218 13.52 -8.63 30.98
C THR A 218 12.73 -8.32 29.72
N ALA A 219 11.86 -9.22 29.33
CA ALA A 219 11.05 -8.98 28.14
C ALA A 219 9.96 -7.95 28.46
N ARG A 220 9.55 -7.20 27.45
CA ARG A 220 8.56 -6.13 27.62
C ARG A 220 7.89 -5.88 26.27
N PRO A 221 6.61 -5.49 26.28
CA PRO A 221 5.96 -5.08 25.03
C PRO A 221 6.77 -4.02 24.31
N LEU A 222 6.97 -4.22 23.00
CA LEU A 222 7.73 -3.28 22.18
C LEU A 222 6.78 -2.60 21.23
N VAL A 223 6.68 -1.28 21.27
CA VAL A 223 5.82 -0.58 20.32
C VAL A 223 6.67 0.04 19.22
N ILE A 224 6.42 -0.39 17.98
CA ILE A 224 7.18 0.08 16.83
C ILE A 224 6.32 0.81 15.80
N SER A 225 6.96 1.45 14.83
CA SER A 225 6.24 2.17 13.81
C SER A 225 5.53 1.22 12.86
N SER A 226 4.36 1.63 12.36
CA SER A 226 3.56 0.75 11.52
C SER A 226 4.07 0.71 10.09
N SER A 227 5.01 1.60 9.76
CA SER A 227 5.65 1.52 8.46
C SER A 227 6.83 0.56 8.51
N SER A 228 7.04 -0.06 9.67
CA SER A 228 8.12 -1.02 9.86
C SER A 228 7.76 -2.44 9.39
N THR A 229 8.77 -3.15 8.90
CA THR A 229 8.69 -4.53 8.47
C THR A 229 9.23 -5.45 9.57
N ILE A 230 8.64 -6.65 9.73
CA ILE A 230 9.10 -7.64 10.71
C ILE A 230 9.42 -8.99 10.06
N ARG A 231 10.53 -9.60 10.45
CA ARG A 231 10.92 -10.91 9.92
C ARG A 231 11.23 -11.90 11.02
N LEU A 232 10.61 -13.07 10.93
CA LEU A 232 10.84 -14.12 11.90
C LEU A 232 11.73 -15.19 11.28
N LYS A 233 12.87 -15.45 11.91
CA LYS A 233 13.76 -16.50 11.43
C LYS A 233 13.89 -17.56 12.51
N PHE A 234 13.96 -18.82 12.08
CA PHE A 234 13.95 -19.95 13.01
C PHE A 234 15.15 -20.85 12.82
N SER A 235 15.56 -21.53 13.89
CA SER A 235 16.73 -22.41 13.83
C SER A 235 16.47 -23.73 13.11
N HIS A 236 15.63 -24.55 13.72
CA HIS A 236 15.36 -25.88 13.21
C HIS A 236 13.93 -26.25 13.51
N ILE A 237 13.42 -27.26 12.83
CA ILE A 237 12.05 -27.65 13.03
C ILE A 237 11.92 -29.15 13.30
N THR A 238 11.69 -29.47 14.57
CA THR A 238 11.22 -30.79 14.99
C THR A 238 9.85 -30.58 15.66
N SER A 239 9.56 -29.33 16.01
CA SER A 239 8.25 -28.91 16.53
C SER A 239 7.51 -28.13 15.47
N ASP A 240 6.18 -28.08 15.56
CA ASP A 240 5.40 -27.43 14.52
C ASP A 240 5.08 -25.97 14.78
N LEU A 241 5.76 -25.10 14.04
CA LEU A 241 5.51 -23.68 14.12
C LEU A 241 4.31 -23.31 13.29
N GLU A 242 3.55 -22.35 13.78
CA GLU A 242 2.31 -21.95 13.15
C GLU A 242 2.14 -20.47 13.29
N ILE A 243 1.47 -19.86 12.33
CA ILE A 243 1.15 -18.46 12.41
C ILE A 243 -0.37 -18.38 12.34
N SER A 244 -0.97 -17.68 13.28
CA SER A 244 -2.41 -17.45 13.24
C SER A 244 -2.69 -15.98 13.01
N CYS A 245 -3.72 -15.69 12.21
CA CYS A 245 -4.14 -14.33 11.99
C CYS A 245 -5.58 -14.27 12.44
N ASP A 246 -5.87 -13.34 13.34
CA ASP A 246 -7.20 -13.18 13.93
C ASP A 246 -7.86 -14.52 14.29
N SER A 247 -7.12 -15.41 14.94
CA SER A 247 -7.68 -16.70 15.36
C SER A 247 -8.40 -17.48 14.23
N GLN A 248 -7.83 -17.46 13.03
CA GLN A 248 -8.30 -18.30 11.96
C GLN A 248 -7.25 -19.37 11.75
N ILE A 249 -7.48 -20.29 10.83
CA ILE A 249 -6.71 -21.52 10.82
C ILE A 249 -5.20 -21.29 10.64
N ALA A 250 -4.43 -21.84 11.57
CA ALA A 250 -2.98 -21.71 11.58
C ALA A 250 -2.31 -22.19 10.28
N LEU A 251 -1.48 -21.32 9.71
CA LEU A 251 -0.63 -21.72 8.59
C LEU A 251 0.62 -22.38 9.15
N PRO A 252 0.93 -23.59 8.68
CA PRO A 252 2.14 -24.24 9.18
C PRO A 252 3.38 -23.52 8.69
N ILE A 253 4.44 -23.53 9.48
CA ILE A 253 5.71 -22.96 9.05
C ILE A 253 6.81 -24.04 8.92
N GLN A 254 7.18 -24.35 7.67
CA GLN A 254 8.13 -25.42 7.38
C GLN A 254 9.57 -25.03 7.68
N GLU A 255 10.49 -25.97 7.49
CA GLU A 255 11.91 -25.75 7.79
C GLU A 255 12.65 -25.01 6.68
N GLY A 256 13.32 -23.93 7.06
CA GLY A 256 13.97 -23.04 6.11
C GLY A 256 13.07 -21.88 5.74
N GLU A 257 11.86 -21.87 6.29
CA GLU A 257 10.88 -20.84 5.98
C GLU A 257 10.95 -19.69 6.97
N GLU A 258 10.65 -18.50 6.49
CA GLU A 258 10.60 -17.34 7.35
C GLU A 258 9.22 -16.71 7.27
N VAL A 259 8.84 -15.96 8.30
CA VAL A 259 7.60 -15.20 8.26
C VAL A 259 7.86 -13.70 8.09
N LEU A 260 7.11 -13.08 7.18
CA LEU A 260 7.25 -11.66 6.94
C LEU A 260 5.92 -10.93 7.24
N ILE A 261 5.95 -10.05 8.24
CA ILE A 261 4.75 -9.34 8.65
C ILE A 261 4.92 -7.85 8.42
N ARG A 262 3.95 -7.20 7.80
CA ARG A 262 4.05 -5.77 7.53
C ARG A 262 2.66 -5.14 7.46
N ARG A 263 2.59 -3.81 7.39
CA ARG A 263 1.31 -3.12 7.26
C ARG A 263 0.72 -3.52 5.93
N SER A 264 -0.53 -3.96 5.95
CA SER A 264 -1.23 -4.31 4.72
C SER A 264 -1.68 -3.05 4.05
N ASP A 265 -2.01 -3.17 2.76
CA ASP A 265 -2.44 -2.03 1.99
C ASP A 265 -3.95 -1.84 2.09
N PHE A 266 -4.62 -2.79 2.72
CA PHE A 266 -6.07 -2.74 2.85
C PHE A 266 -6.46 -2.00 4.12
N HIS A 267 -7.48 -1.15 4.02
CA HIS A 267 -7.88 -0.32 5.14
C HIS A 267 -9.35 -0.47 5.46
N LEU A 268 -9.66 -0.68 6.73
CA LEU A 268 -11.06 -0.70 7.15
C LEU A 268 -11.59 0.72 7.25
N ASN A 269 -12.56 1.03 6.40
CA ASN A 269 -13.19 2.34 6.39
C ASN A 269 -14.39 2.38 7.33
N LEU A 270 -14.08 2.44 8.62
CA LEU A 270 -15.06 2.47 9.68
C LEU A 270 -15.73 3.84 9.73
N ILE A 271 -17.02 3.87 10.09
CA ILE A 271 -17.64 5.14 10.47
C ILE A 271 -18.34 5.01 11.84
N HIS A 272 -18.61 6.16 12.46
CA HIS A 272 -19.16 6.20 13.81
C HIS A 272 -20.19 7.30 13.87
N PRO A 273 -21.14 7.22 14.80
CA PRO A 273 -22.08 8.33 14.92
C PRO A 273 -21.39 9.48 15.63
N LYS A 274 -21.91 10.71 15.50
CA LYS A 274 -21.25 11.89 16.05
C LYS A 274 -20.98 11.76 17.54
N ASP A 275 -21.91 11.14 18.26
CA ASP A 275 -21.77 11.03 19.70
C ASP A 275 -20.82 9.91 20.15
N TYR A 276 -20.13 9.28 19.19
CA TYR A 276 -19.13 8.28 19.53
C TYR A 276 -17.83 8.92 20.02
N SER A 277 -17.20 8.31 21.01
CA SER A 277 -15.81 8.62 21.30
C SER A 277 -15.07 7.37 21.77
N TYR A 278 -13.82 7.23 21.32
CA TYR A 278 -13.03 6.06 21.67
C TYR A 278 -12.94 5.84 23.18
N PHE A 279 -12.51 6.89 23.91
CA PHE A 279 -12.25 6.77 25.35
C PHE A 279 -13.47 6.37 26.18
N ASN A 280 -14.65 6.79 25.74
CA ASN A 280 -15.90 6.32 26.34
C ASN A 280 -16.18 4.82 26.07
N THR A 281 -15.90 4.37 24.84
CA THR A 281 -15.98 2.95 24.52
C THR A 281 -15.00 2.18 25.39
N LEU A 282 -13.76 2.63 25.39
CA LEU A 282 -12.68 2.03 26.18
C LEU A 282 -12.99 1.92 27.67
N SER A 283 -13.48 2.99 28.26
CA SER A 283 -13.73 2.99 29.69
C SER A 283 -14.85 2.03 30.06
N THR A 284 -15.96 2.08 29.33
CA THR A 284 -17.07 1.18 29.58
C THR A 284 -16.63 -0.27 29.40
N LYS A 285 -15.77 -0.52 28.42
CA LYS A 285 -15.27 -1.87 28.17
C LYS A 285 -14.32 -2.34 29.27
N LEU A 286 -13.42 -1.46 29.70
CA LEU A 286 -12.40 -1.88 30.64
C LEU A 286 -12.78 -1.68 32.09
N GLY A 287 -13.83 -0.89 32.33
CA GLY A 287 -14.25 -0.59 33.69
C GLY A 287 -13.48 0.57 34.31
N TRP A 288 -13.21 1.60 33.51
CA TRP A 288 -12.51 2.77 33.99
C TRP A 288 -13.48 3.76 34.57
N SER A 289 -12.98 4.63 35.46
CA SER A 289 -13.81 5.66 36.09
C SER A 289 -14.27 6.70 35.10
N LYS A 290 -15.53 7.09 35.25
CA LYS A 290 -16.11 8.15 34.45
C LYS A 290 -15.84 9.45 35.17
N LYS A 291 -16.40 10.53 34.66
CA LYS A 291 -16.19 11.85 35.22
C LYS A 291 -16.38 11.88 36.74
N LEU A 292 -15.39 12.41 37.46
CA LEU A 292 -15.44 12.45 38.92
C LEU A 292 -16.01 13.75 39.51
N PHE A 293 -15.89 14.86 38.80
CA PHE A 293 -16.45 16.12 39.28
C PHE A 293 -17.21 16.85 38.19
N ARG B 5 26.91 -3.72 4.60
CA ARG B 5 27.52 -4.32 3.43
C ARG B 5 26.44 -4.89 2.53
N PHE B 6 26.76 -5.07 1.25
CA PHE B 6 25.84 -5.77 0.36
C PHE B 6 26.41 -7.12 -0.01
N ASP B 7 25.58 -8.16 0.07
CA ASP B 7 26.01 -9.50 -0.27
C ASP B 7 25.93 -9.72 -1.77
N CYS B 8 24.72 -9.63 -2.31
CA CYS B 8 24.49 -9.87 -3.72
C CYS B 8 24.19 -8.59 -4.50
N ILE B 9 25.03 -8.29 -5.47
CA ILE B 9 24.88 -7.09 -6.28
C ILE B 9 24.57 -7.41 -7.75
N GLY B 10 23.47 -6.86 -8.25
CA GLY B 10 23.06 -7.10 -9.63
C GLY B 10 23.42 -5.97 -10.56
N ILE B 11 23.82 -6.31 -11.78
CA ILE B 11 24.05 -5.29 -12.80
C ILE B 11 22.94 -5.35 -13.83
N VAL B 12 22.41 -4.18 -14.16
CA VAL B 12 21.14 -4.04 -14.82
C VAL B 12 21.25 -3.10 -16.02
N GLY B 13 20.51 -3.38 -17.08
CA GLY B 13 20.52 -2.49 -18.22
C GLY B 13 20.46 -3.18 -19.57
N HIS B 14 20.18 -2.37 -20.60
CA HIS B 14 20.09 -2.82 -21.98
C HIS B 14 21.05 -1.93 -22.78
N PRO B 15 22.32 -2.32 -22.87
CA PRO B 15 23.30 -1.52 -23.62
C PRO B 15 23.15 -1.70 -25.13
N ARG B 16 22.91 -0.59 -25.83
CA ARG B 16 22.75 -0.65 -27.28
C ARG B 16 23.97 -0.06 -28.01
N HIS B 17 24.94 0.43 -27.24
CA HIS B 17 26.18 1.00 -27.78
C HIS B 17 27.41 0.30 -27.19
N PRO B 18 28.50 0.22 -27.96
CA PRO B 18 29.74 -0.40 -27.47
C PRO B 18 30.26 0.21 -26.16
N ALA B 19 30.27 1.54 -26.05
CA ALA B 19 30.77 2.18 -24.83
C ALA B 19 29.97 1.77 -23.61
N ALA B 20 28.65 1.66 -23.77
CA ALA B 20 27.77 1.25 -22.68
C ALA B 20 28.11 -0.16 -22.15
N LEU B 21 28.53 -1.03 -23.08
CA LEU B 21 28.87 -2.42 -22.77
C LEU B 21 30.19 -2.47 -22.02
N ALA B 22 31.10 -1.57 -22.38
CA ALA B 22 32.34 -1.40 -21.64
C ALA B 22 32.06 -1.15 -20.15
N THR B 23 31.11 -0.27 -19.85
CA THR B 23 30.78 0.07 -18.47
C THR B 23 30.37 -1.15 -17.65
N HIS B 24 29.56 -2.02 -18.24
CA HIS B 24 29.14 -3.26 -17.56
C HIS B 24 30.32 -4.16 -17.28
N GLU B 25 31.22 -4.27 -18.24
CA GLU B 25 32.29 -5.25 -18.16
C GLU B 25 33.24 -4.87 -17.04
N ILE B 26 33.57 -3.58 -16.98
CA ILE B 26 34.38 -3.03 -15.92
C ILE B 26 33.72 -3.27 -14.56
N LEU B 27 32.46 -2.86 -14.47
CA LEU B 27 31.67 -3.05 -13.26
C LEU B 27 31.69 -4.50 -12.78
N TYR B 28 31.32 -5.41 -13.68
CA TYR B 28 31.30 -6.83 -13.37
C TYR B 28 32.64 -7.32 -12.86
N HIS B 29 33.71 -6.87 -13.50
CA HIS B 29 35.04 -7.34 -13.15
C HIS B 29 35.58 -6.67 -11.90
N TRP B 30 35.18 -5.43 -11.69
CA TRP B 30 35.54 -4.72 -10.47
C TRP B 30 34.89 -5.39 -9.29
N LEU B 31 33.57 -5.55 -9.38
CA LEU B 31 32.77 -6.18 -8.33
C LEU B 31 33.23 -7.60 -8.02
N LYS B 32 33.50 -8.37 -9.07
CA LYS B 32 33.94 -9.74 -8.89
C LYS B 32 35.32 -9.79 -8.24
N ALA B 33 36.18 -8.83 -8.58
CA ALA B 33 37.51 -8.74 -7.96
C ALA B 33 37.42 -8.25 -6.51
N ARG B 34 36.30 -7.65 -6.15
CA ARG B 34 36.05 -7.24 -4.78
C ARG B 34 35.46 -8.39 -3.97
N GLY B 35 35.07 -9.46 -4.65
CA GLY B 35 34.55 -10.64 -3.99
C GLY B 35 33.04 -10.67 -3.76
N TYR B 36 32.32 -9.77 -4.40
CA TYR B 36 30.87 -9.79 -4.32
C TYR B 36 30.31 -10.84 -5.28
N ALA B 37 29.14 -11.38 -4.97
CA ALA B 37 28.41 -12.19 -5.95
C ALA B 37 27.65 -11.26 -6.90
N VAL B 38 27.84 -11.45 -8.20
CA VAL B 38 27.21 -10.58 -9.19
C VAL B 38 26.17 -11.31 -10.05
N MET B 39 24.97 -10.75 -10.13
CA MET B 39 23.93 -11.24 -11.02
C MET B 39 23.87 -10.33 -12.23
N VAL B 40 23.67 -10.91 -13.41
CA VAL B 40 23.64 -10.14 -14.62
C VAL B 40 22.36 -10.46 -15.38
N GLU B 41 21.89 -9.54 -16.21
CA GLU B 41 20.80 -9.86 -17.14
C GLU B 41 21.37 -10.65 -18.31
N GLN B 42 20.71 -11.75 -18.65
CA GLN B 42 21.15 -12.68 -19.70
C GLN B 42 21.64 -12.00 -20.99
N GLN B 43 20.84 -11.06 -21.50
CA GLN B 43 21.18 -10.30 -22.70
C GLN B 43 22.60 -9.74 -22.59
N ILE B 44 22.89 -9.09 -21.47
CA ILE B 44 24.24 -8.58 -21.21
C ILE B 44 25.21 -9.74 -21.06
N ALA B 45 24.79 -10.75 -20.30
CA ALA B 45 25.63 -11.91 -20.01
C ALA B 45 26.12 -12.58 -21.26
N HIS B 46 25.24 -12.68 -22.25
CA HIS B 46 25.59 -13.29 -23.54
C HIS B 46 26.45 -12.35 -24.36
N ASP B 47 26.07 -11.08 -24.40
CA ASP B 47 26.84 -10.06 -25.11
C ASP B 47 28.26 -9.96 -24.56
N LEU B 48 28.42 -10.15 -23.26
CA LEU B 48 29.76 -10.17 -22.67
C LEU B 48 30.37 -11.53 -22.80
N ASN B 49 29.60 -12.46 -23.38
CA ASN B 49 30.04 -13.83 -23.59
C ASN B 49 30.72 -14.43 -22.35
N LEU B 50 30.33 -13.96 -21.18
CA LEU B 50 30.81 -14.58 -19.95
C LEU B 50 30.01 -15.84 -19.72
N THR B 51 30.70 -16.93 -19.39
CA THR B 51 30.03 -18.22 -19.24
C THR B 51 30.22 -18.76 -17.84
N ASP B 52 30.76 -17.94 -16.94
CA ASP B 52 31.00 -18.36 -15.57
C ASP B 52 30.26 -17.47 -14.58
N ALA B 53 29.13 -16.90 -14.99
CA ALA B 53 28.41 -15.95 -14.13
C ALA B 53 27.05 -16.44 -13.66
N ILE B 54 26.51 -15.73 -12.68
CA ILE B 54 25.14 -15.93 -12.26
C ILE B 54 24.31 -14.91 -13.00
N THR B 55 23.24 -15.36 -13.63
CA THR B 55 22.43 -14.50 -14.47
C THR B 55 21.02 -14.38 -13.88
N GLY B 56 20.22 -13.51 -14.47
CA GLY B 56 18.84 -13.35 -14.01
C GLY B 56 18.04 -12.40 -14.87
N SER B 57 16.72 -12.55 -14.81
CA SER B 57 15.83 -11.58 -15.42
C SER B 57 15.71 -10.48 -14.40
N LEU B 58 15.14 -9.34 -14.80
CA LEU B 58 15.05 -8.19 -13.90
C LEU B 58 14.38 -8.56 -12.57
N ALA B 59 13.26 -9.27 -12.66
CA ALA B 59 12.51 -9.63 -11.46
C ALA B 59 13.29 -10.59 -10.58
N ASP B 60 14.17 -11.36 -11.18
CA ASP B 60 15.01 -12.27 -10.42
C ASP B 60 16.08 -11.50 -9.66
N ILE B 61 16.70 -10.52 -10.32
CA ILE B 61 17.72 -9.69 -9.70
C ILE B 61 17.09 -8.91 -8.55
N GLY B 62 15.84 -8.50 -8.75
CA GLY B 62 15.10 -7.80 -7.72
C GLY B 62 14.84 -8.57 -6.43
N GLN B 63 14.56 -9.87 -6.54
CA GLN B 63 14.19 -10.66 -5.38
C GLN B 63 15.40 -11.09 -4.55
N LYS B 64 16.50 -11.41 -5.23
CA LYS B 64 17.66 -12.02 -4.57
C LYS B 64 18.72 -11.00 -4.17
N ALA B 65 19.04 -10.08 -5.09
CA ALA B 65 20.10 -9.11 -4.85
C ALA B 65 19.72 -8.05 -3.82
N ASP B 66 20.74 -7.43 -3.23
CA ASP B 66 20.56 -6.40 -2.20
C ASP B 66 20.66 -5.03 -2.86
N LEU B 67 21.59 -4.90 -3.79
CA LEU B 67 21.81 -3.66 -4.49
C LEU B 67 21.81 -3.91 -5.98
N ALA B 68 21.08 -3.09 -6.72
CA ALA B 68 21.12 -3.13 -8.17
C ALA B 68 21.78 -1.87 -8.70
N VAL B 69 22.79 -2.05 -9.54
CA VAL B 69 23.40 -0.93 -10.23
C VAL B 69 22.84 -0.86 -11.64
N VAL B 70 22.06 0.18 -11.92
CA VAL B 70 21.48 0.36 -13.24
C VAL B 70 22.37 1.26 -14.09
N VAL B 71 22.96 0.70 -15.13
CA VAL B 71 23.76 1.44 -16.09
C VAL B 71 22.90 1.88 -17.28
N GLY B 72 23.06 3.13 -17.75
CA GLY B 72 22.37 3.54 -18.97
C GLY B 72 21.70 4.91 -19.05
N GLY B 73 21.62 5.63 -17.92
CA GLY B 73 21.01 6.94 -17.93
C GLY B 73 19.52 6.89 -17.62
N ASP B 74 18.90 8.06 -17.52
CA ASP B 74 17.50 8.17 -17.12
C ASP B 74 16.54 7.39 -18.03
N GLY B 75 16.97 7.05 -19.24
CA GLY B 75 16.13 6.28 -20.14
C GLY B 75 15.99 4.82 -19.74
N ASN B 76 17.12 4.14 -19.64
CA ASN B 76 17.15 2.78 -19.15
C ASN B 76 16.59 2.69 -17.73
N MET B 77 17.04 3.60 -16.86
CA MET B 77 16.61 3.64 -15.46
C MET B 77 15.08 3.60 -15.33
N LEU B 78 14.38 4.12 -16.31
CA LEU B 78 12.94 4.26 -16.20
C LEU B 78 12.21 2.92 -16.20
N GLY B 79 12.59 2.04 -17.13
CA GLY B 79 11.95 0.75 -17.24
C GLY B 79 12.35 -0.16 -16.09
N ALA B 80 13.59 -0.01 -15.64
CA ALA B 80 14.13 -0.88 -14.62
C ALA B 80 13.47 -0.59 -13.30
N ALA B 81 13.27 0.69 -13.03
CA ALA B 81 12.78 1.15 -11.74
C ALA B 81 11.35 0.71 -11.46
N ARG B 82 10.55 0.66 -12.52
CA ARG B 82 9.18 0.19 -12.44
C ARG B 82 9.12 -1.28 -11.94
N VAL B 83 10.12 -2.07 -12.30
CA VAL B 83 10.19 -3.44 -11.79
C VAL B 83 10.92 -3.52 -10.46
N LEU B 84 12.04 -2.83 -10.35
CA LEU B 84 12.83 -2.88 -9.13
C LEU B 84 12.06 -2.29 -7.95
N ALA B 85 11.05 -1.47 -8.23
CA ALA B 85 10.27 -0.83 -7.17
C ALA B 85 9.31 -1.80 -6.48
N ARG B 86 9.20 -3.02 -7.02
CA ARG B 86 8.39 -4.07 -6.40
C ARG B 86 9.16 -4.86 -5.34
N TYR B 87 10.49 -4.68 -5.28
CA TYR B 87 11.31 -5.42 -4.31
C TYR B 87 12.12 -4.53 -3.34
N ASP B 88 12.52 -5.09 -2.20
CA ASP B 88 13.22 -4.33 -1.16
C ASP B 88 14.58 -3.81 -1.62
N ILE B 89 14.99 -4.19 -2.84
CA ILE B 89 16.33 -3.93 -3.32
C ILE B 89 16.75 -2.44 -3.35
N LYS B 90 18.03 -2.19 -3.09
CA LYS B 90 18.58 -0.85 -3.20
C LYS B 90 18.96 -0.62 -4.65
N VAL B 91 18.67 0.56 -5.17
CA VAL B 91 18.92 0.87 -6.57
C VAL B 91 19.72 2.16 -6.74
N ILE B 92 20.90 2.04 -7.34
CA ILE B 92 21.73 3.19 -7.67
C ILE B 92 22.05 3.17 -9.18
N GLY B 93 22.13 4.34 -9.78
CA GLY B 93 22.28 4.44 -11.22
C GLY B 93 23.59 5.05 -11.69
N VAL B 94 24.13 4.50 -12.77
CA VAL B 94 25.29 5.08 -13.43
C VAL B 94 24.83 5.66 -14.75
N ASN B 95 25.05 6.95 -14.97
CA ASN B 95 24.49 7.62 -16.13
C ASN B 95 25.33 7.59 -17.40
N ARG B 96 24.70 8.06 -18.47
CA ARG B 96 25.36 8.35 -19.72
C ARG B 96 25.80 9.82 -19.68
N GLY B 97 27.09 10.06 -19.47
CA GLY B 97 27.61 11.42 -19.48
C GLY B 97 27.14 12.37 -18.40
N ASN B 98 26.04 13.08 -18.66
CA ASN B 98 25.55 14.12 -17.75
C ASN B 98 24.74 13.58 -16.59
N LEU B 99 24.59 14.41 -15.55
CA LEU B 99 23.82 14.06 -14.37
C LEU B 99 22.33 13.97 -14.68
N GLY B 100 21.63 13.10 -13.96
CA GLY B 100 20.18 12.97 -14.07
C GLY B 100 19.60 12.89 -12.68
N PHE B 101 18.27 12.99 -12.56
CA PHE B 101 17.65 12.99 -11.25
C PHE B 101 17.60 11.62 -10.58
N LEU B 102 17.85 10.57 -11.34
CA LEU B 102 17.83 9.23 -10.77
C LEU B 102 19.20 8.58 -10.82
N THR B 103 20.07 9.16 -11.64
CA THR B 103 21.38 8.58 -11.89
C THR B 103 22.46 9.60 -11.56
N ASP B 104 23.27 9.32 -10.54
CA ASP B 104 24.27 10.28 -10.10
C ASP B 104 25.72 9.80 -10.13
N LEU B 105 25.99 8.67 -10.77
CA LEU B 105 27.37 8.22 -10.95
C LEU B 105 27.85 8.46 -12.37
N ASP B 106 28.86 9.30 -12.53
CA ASP B 106 29.45 9.53 -13.84
C ASP B 106 30.49 8.46 -14.11
N PRO B 107 30.41 7.81 -15.29
CA PRO B 107 31.24 6.68 -15.70
C PRO B 107 32.73 6.87 -15.46
N ASP B 108 33.15 8.11 -15.20
CA ASP B 108 34.57 8.43 -15.04
C ASP B 108 35.01 8.48 -13.58
N ASN B 109 34.07 8.58 -12.66
CA ASN B 109 34.39 8.46 -11.24
C ASN B 109 33.43 7.48 -10.59
N ALA B 110 32.73 6.74 -11.44
CA ALA B 110 31.73 5.77 -11.01
C ALA B 110 32.26 4.76 -10.00
N LEU B 111 33.45 4.22 -10.27
CA LEU B 111 34.03 3.21 -9.38
C LEU B 111 34.31 3.72 -7.95
N GLN B 112 35.09 4.80 -7.83
CA GLN B 112 35.45 5.37 -6.53
C GLN B 112 34.25 5.64 -5.62
N GLN B 113 33.19 6.21 -6.19
CA GLN B 113 32.01 6.52 -5.40
C GLN B 113 31.26 5.29 -4.90
N LEU B 114 31.08 4.33 -5.80
CA LEU B 114 30.41 3.08 -5.46
C LEU B 114 31.19 2.32 -4.39
N SER B 115 32.51 2.51 -4.36
CA SER B 115 33.35 1.93 -3.32
C SER B 115 32.90 2.41 -1.93
N ASP B 116 32.60 3.69 -1.81
CA ASP B 116 32.13 4.24 -0.53
C ASP B 116 30.73 3.73 -0.23
N VAL B 117 29.90 3.64 -1.26
CA VAL B 117 28.53 3.15 -1.11
C VAL B 117 28.45 1.72 -0.59
N LEU B 118 29.34 0.85 -1.06
CA LEU B 118 29.36 -0.53 -0.60
C LEU B 118 29.88 -0.63 0.83
N GLU B 119 30.43 0.48 1.32
CA GLU B 119 30.96 0.55 2.69
C GLU B 119 29.95 1.14 3.67
N GLY B 120 28.74 1.39 3.19
CA GLY B 120 27.67 1.85 4.05
C GLY B 120 27.39 3.34 3.96
N GLU B 121 28.15 4.03 3.10
CA GLU B 121 28.04 5.48 3.00
C GLU B 121 27.06 5.94 1.93
N TYR B 122 25.78 6.03 2.28
CA TYR B 122 24.80 6.42 1.28
C TYR B 122 23.58 7.15 1.85
N LEU B 123 23.18 8.24 1.20
CA LEU B 123 21.88 8.85 1.46
C LEU B 123 20.89 7.95 0.73
N SER B 124 19.67 7.83 1.25
CA SER B 124 18.68 6.95 0.62
C SER B 124 17.26 7.51 0.57
N GLU B 125 16.91 8.11 -0.57
CA GLU B 125 15.55 8.56 -0.83
C GLU B 125 14.62 7.38 -1.11
N GLN B 126 13.33 7.64 -1.11
CA GLN B 126 12.37 6.68 -1.62
C GLN B 126 11.39 7.42 -2.47
N ARG B 127 11.18 6.95 -3.69
CA ARG B 127 10.25 7.60 -4.58
C ARG B 127 9.01 6.74 -4.70
N PHE B 128 7.84 7.32 -4.45
CA PHE B 128 6.60 6.56 -4.67
C PHE B 128 6.26 6.51 -6.14
N LEU B 129 5.43 5.54 -6.50
CA LEU B 129 4.99 5.30 -7.86
C LEU B 129 3.50 5.55 -8.00
N LEU B 130 3.03 5.74 -9.23
CA LEU B 130 1.59 5.83 -9.45
C LEU B 130 1.07 4.46 -9.91
N GLU B 131 -0.14 4.11 -9.47
CA GLU B 131 -0.82 2.93 -9.97
C GLU B 131 -2.13 3.35 -10.64
N THR B 132 -2.48 2.67 -11.73
CA THR B 132 -3.70 3.00 -12.48
C THR B 132 -4.57 1.77 -12.82
N HIS B 133 -5.86 1.83 -12.49
CA HIS B 133 -6.84 0.86 -12.97
C HIS B 133 -7.67 1.51 -14.05
N VAL B 134 -8.00 0.76 -15.10
CA VAL B 134 -9.20 1.10 -15.85
C VAL B 134 -10.31 0.29 -15.17
N ARG B 135 -11.52 0.83 -15.12
CA ARG B 135 -12.58 0.20 -14.32
C ARG B 135 -13.63 -0.54 -15.15
N SER B 141 -9.74 -5.77 -13.91
CA SER B 141 -9.07 -4.49 -14.16
C SER B 141 -7.55 -4.63 -14.05
N ARG B 142 -6.85 -4.34 -15.14
N ARG B 142 -6.83 -4.35 -15.12
CA ARG B 142 -5.39 -4.30 -15.16
CA ARG B 142 -5.37 -4.44 -15.05
C ARG B 142 -4.82 -3.13 -14.36
C ARG B 142 -4.72 -3.17 -14.49
N ILE B 143 -3.74 -3.37 -13.63
CA ILE B 143 -3.05 -2.31 -12.91
C ILE B 143 -1.70 -2.00 -13.55
N SER B 144 -1.54 -0.77 -14.03
CA SER B 144 -0.25 -0.32 -14.53
C SER B 144 0.40 0.60 -13.51
N THR B 145 1.71 0.78 -13.62
CA THR B 145 2.40 1.71 -12.75
C THR B 145 3.22 2.76 -13.51
N ALA B 146 3.53 3.86 -12.82
CA ALA B 146 4.36 4.90 -13.40
C ALA B 146 5.19 5.51 -12.30
N ILE B 147 6.47 5.74 -12.60
CA ILE B 147 7.32 6.45 -11.68
C ILE B 147 7.26 7.95 -11.95
N ASN B 148 7.32 8.35 -13.21
CA ASN B 148 7.23 9.73 -13.62
C ASN B 148 5.82 10.31 -13.70
N GLU B 149 4.98 9.77 -14.57
CA GLU B 149 3.66 10.36 -14.75
C GLU B 149 2.70 9.47 -15.55
N VAL B 150 1.42 9.79 -15.45
CA VAL B 150 0.37 9.16 -16.21
C VAL B 150 -0.25 10.21 -17.14
N VAL B 151 -0.23 10.00 -18.44
CA VAL B 151 -0.86 10.95 -19.35
C VAL B 151 -2.16 10.43 -19.99
N LEU B 152 -3.25 11.17 -19.82
CA LEU B 152 -4.51 10.93 -20.53
C LEU B 152 -4.53 11.76 -21.80
N HIS B 153 -4.96 11.20 -22.92
CA HIS B 153 -5.01 11.93 -24.17
C HIS B 153 -5.82 11.19 -25.23
N PRO B 154 -6.39 11.93 -26.19
CA PRO B 154 -7.02 11.26 -27.32
C PRO B 154 -5.93 10.70 -28.21
N GLY B 155 -6.32 9.95 -29.24
CA GLY B 155 -5.39 9.37 -30.18
C GLY B 155 -4.84 10.38 -31.17
N LYS B 156 -5.72 11.25 -31.68
CA LYS B 156 -5.32 12.31 -32.61
C LYS B 156 -4.87 13.56 -31.87
N VAL B 157 -3.72 14.12 -32.28
CA VAL B 157 -3.02 15.16 -31.52
C VAL B 157 -3.89 16.35 -31.05
N ALA B 158 -4.43 17.14 -31.96
CA ALA B 158 -5.10 18.38 -31.55
C ALA B 158 -6.58 18.23 -31.24
N HIS B 159 -7.01 17.02 -30.89
N HIS B 159 -7.01 17.02 -30.89
CA HIS B 159 -8.41 16.75 -30.57
CA HIS B 159 -8.41 16.80 -30.60
C HIS B 159 -8.73 17.10 -29.12
C HIS B 159 -8.77 17.05 -29.13
N MET B 160 -9.83 17.82 -28.93
CA MET B 160 -10.28 18.24 -27.59
C MET B 160 -11.14 17.17 -26.94
N ILE B 161 -10.69 16.65 -25.80
CA ILE B 161 -11.54 15.74 -25.07
C ILE B 161 -12.21 16.43 -23.88
N GLU B 162 -13.07 15.70 -23.19
CA GLU B 162 -13.89 16.30 -22.15
C GLU B 162 -14.12 15.30 -21.03
N PHE B 163 -13.63 15.64 -19.83
CA PHE B 163 -13.69 14.70 -18.72
C PHE B 163 -14.04 15.38 -17.41
N GLU B 164 -14.24 14.56 -16.39
CA GLU B 164 -14.60 15.03 -15.06
C GLU B 164 -13.61 14.43 -14.12
N VAL B 165 -13.24 15.20 -13.10
CA VAL B 165 -12.22 14.78 -12.16
C VAL B 165 -12.78 14.64 -10.76
N TYR B 166 -12.49 13.51 -10.14
CA TYR B 166 -12.98 13.18 -8.82
C TYR B 166 -11.81 12.95 -7.89
N ILE B 167 -11.80 13.65 -6.77
CA ILE B 167 -10.73 13.43 -5.81
C ILE B 167 -11.36 12.91 -4.53
N ASP B 168 -10.80 11.82 -4.01
CA ASP B 168 -11.33 11.17 -2.81
C ASP B 168 -12.83 10.86 -2.89
N ASP B 169 -13.27 10.38 -4.05
CA ASP B 169 -14.67 10.01 -4.33
C ASP B 169 -15.62 11.18 -4.48
N ARG B 170 -15.09 12.40 -4.46
CA ARG B 170 -15.93 13.60 -4.55
C ARG B 170 -15.61 14.40 -5.80
N PHE B 171 -16.63 15.04 -6.37
CA PHE B 171 -16.48 15.76 -7.62
C PHE B 171 -15.68 17.05 -7.47
N ALA B 172 -14.58 17.17 -8.21
CA ALA B 172 -13.71 18.31 -8.13
C ALA B 172 -14.06 19.35 -9.19
N PHE B 173 -13.87 19.01 -10.46
CA PHE B 173 -14.07 19.96 -11.55
C PHE B 173 -14.12 19.25 -12.90
N SER B 174 -14.85 19.81 -13.86
CA SER B 174 -14.81 19.29 -15.22
C SER B 174 -13.78 20.04 -16.04
N GLN B 175 -13.31 19.44 -17.13
CA GLN B 175 -12.53 20.22 -18.09
C GLN B 175 -12.54 19.77 -19.55
N ARG B 176 -12.28 20.74 -20.42
CA ARG B 176 -12.20 20.54 -21.85
C ARG B 176 -10.78 20.86 -22.26
N SER B 177 -10.02 19.85 -22.64
CA SER B 177 -8.61 20.03 -22.95
C SER B 177 -8.17 18.98 -23.93
N ASP B 178 -6.88 18.94 -24.20
CA ASP B 178 -6.27 17.89 -25.01
C ASP B 178 -5.61 16.85 -24.14
N GLY B 179 -5.97 16.80 -22.86
CA GLY B 179 -5.38 15.82 -21.97
C GLY B 179 -5.03 16.33 -20.59
N LEU B 180 -4.44 15.46 -19.78
CA LEU B 180 -4.14 15.77 -18.39
C LEU B 180 -2.91 15.00 -17.98
N ILE B 181 -1.95 15.70 -17.39
CA ILE B 181 -0.75 15.05 -16.90
C ILE B 181 -0.88 14.92 -15.39
N ILE B 182 -0.70 13.70 -14.91
CA ILE B 182 -0.68 13.43 -13.48
C ILE B 182 0.70 12.90 -13.14
N ALA B 183 1.44 13.68 -12.35
CA ALA B 183 2.86 13.45 -12.14
C ALA B 183 3.26 13.26 -10.67
N THR B 184 4.18 12.34 -10.42
CA THR B 184 4.83 12.22 -9.12
C THR B 184 5.86 13.35 -8.96
N PRO B 185 6.42 13.52 -7.74
CA PRO B 185 7.56 14.43 -7.64
C PRO B 185 8.72 14.04 -8.55
N THR B 186 8.99 12.74 -8.70
CA THR B 186 10.03 12.30 -9.63
C THR B 186 9.73 12.77 -11.05
N GLY B 187 8.46 12.70 -11.44
CA GLY B 187 8.05 13.12 -12.78
C GLY B 187 7.90 14.63 -12.96
N SER B 188 7.93 15.36 -11.85
CA SER B 188 7.64 16.79 -11.91
C SER B 188 8.69 17.58 -12.68
N THR B 189 9.87 17.00 -12.89
CA THR B 189 10.93 17.68 -13.64
C THR B 189 11.03 17.18 -15.06
N ALA B 190 10.02 16.46 -15.51
CA ALA B 190 10.08 15.85 -16.85
C ALA B 190 8.99 16.41 -17.77
N TYR B 191 8.11 15.53 -18.22
CA TYR B 191 7.06 15.96 -19.15
C TYR B 191 6.16 17.05 -18.57
N SER B 192 5.70 16.85 -17.35
CA SER B 192 4.95 17.85 -16.61
C SER B 192 5.62 19.25 -16.57
N LEU B 193 6.94 19.26 -16.42
CA LEU B 193 7.67 20.53 -16.44
C LEU B 193 7.51 21.18 -17.82
N SER B 194 7.74 20.41 -18.88
CA SER B 194 7.58 20.93 -20.23
C SER B 194 6.17 21.43 -20.53
N ALA B 195 5.21 21.01 -19.73
CA ALA B 195 3.84 21.43 -19.89
C ALA B 195 3.52 22.63 -18.99
N GLY B 196 4.52 23.16 -18.29
CA GLY B 196 4.33 24.38 -17.51
C GLY B 196 4.04 24.13 -16.05
N GLY B 197 4.31 22.90 -15.61
CA GLY B 197 4.07 22.51 -14.24
C GLY B 197 5.21 23.00 -13.36
N PRO B 198 5.00 22.95 -12.05
CA PRO B 198 6.01 23.32 -11.05
C PRO B 198 6.93 22.16 -10.73
N ILE B 199 8.08 22.49 -10.14
CA ILE B 199 8.99 21.50 -9.61
C ILE B 199 8.53 21.00 -8.23
N LEU B 200 8.27 19.70 -8.10
CA LEU B 200 8.02 19.12 -6.78
C LEU B 200 9.29 18.49 -6.26
N THR B 201 9.63 18.79 -5.01
CA THR B 201 10.81 18.22 -4.39
C THR B 201 10.57 16.71 -4.20
N PRO B 202 11.61 15.87 -4.38
CA PRO B 202 11.38 14.44 -4.64
C PRO B 202 10.88 13.56 -3.47
N THR B 203 10.94 14.04 -2.24
CA THR B 203 10.38 13.24 -1.15
C THR B 203 9.03 13.78 -0.70
N LEU B 204 8.62 14.89 -1.29
CA LEU B 204 7.31 15.45 -1.05
C LEU B 204 6.19 14.43 -1.26
N ASP B 205 5.19 14.40 -0.37
CA ASP B 205 4.04 13.55 -0.58
C ASP B 205 2.91 14.30 -1.28
N ALA B 206 3.17 14.59 -2.56
CA ALA B 206 2.25 15.32 -3.42
C ALA B 206 2.17 14.69 -4.80
N ILE B 207 1.09 15.01 -5.50
CA ILE B 207 0.94 14.72 -6.91
C ILE B 207 0.47 15.98 -7.62
N VAL B 208 1.04 16.30 -8.76
CA VAL B 208 0.58 17.48 -9.47
C VAL B 208 -0.25 17.13 -10.72
N LEU B 209 -1.33 17.88 -10.93
CA LEU B 209 -2.19 17.68 -12.10
C LEU B 209 -2.02 18.83 -13.07
N VAL B 210 -1.50 18.57 -14.26
CA VAL B 210 -1.25 19.64 -15.21
C VAL B 210 -2.09 19.40 -16.46
N PRO B 211 -2.99 20.34 -16.78
CA PRO B 211 -3.82 20.16 -17.95
C PRO B 211 -2.99 20.41 -19.20
N MET B 212 -3.39 19.82 -20.34
CA MET B 212 -2.71 20.05 -21.60
C MET B 212 -3.61 20.83 -22.57
N PHE B 213 -3.16 22.02 -22.97
CA PHE B 213 -3.97 22.92 -23.81
C PHE B 213 -5.40 23.09 -23.33
N PRO B 214 -5.59 23.50 -22.07
CA PRO B 214 -6.95 23.73 -21.57
C PRO B 214 -7.76 24.65 -22.52
N HIS B 215 -9.08 24.58 -22.47
CA HIS B 215 -9.92 25.45 -23.29
C HIS B 215 -10.10 26.81 -22.60
N THR B 216 -10.03 26.82 -21.28
CA THR B 216 -10.19 28.05 -20.53
C THR B 216 -8.88 28.55 -19.96
N LEU B 217 -8.76 29.87 -19.90
CA LEU B 217 -7.54 30.53 -19.51
C LEU B 217 -7.22 30.44 -18.03
N THR B 218 -8.18 29.97 -17.24
CA THR B 218 -8.02 29.96 -15.78
C THR B 218 -7.51 28.67 -15.21
N ALA B 219 -7.11 27.74 -16.08
CA ALA B 219 -6.55 26.49 -15.61
C ALA B 219 -5.15 26.71 -15.08
N ARG B 220 -4.83 26.09 -13.94
N ARG B 220 -4.83 26.09 -13.94
CA ARG B 220 -3.49 26.16 -13.37
CA ARG B 220 -3.48 26.12 -13.39
C ARG B 220 -3.08 24.78 -12.82
C ARG B 220 -3.08 24.75 -12.87
N PRO B 221 -1.76 24.47 -12.81
CA PRO B 221 -1.34 23.21 -12.20
C PRO B 221 -1.87 23.04 -10.77
N LEU B 222 -2.38 21.85 -10.45
CA LEU B 222 -3.00 21.60 -9.17
C LEU B 222 -2.22 20.56 -8.36
N VAL B 223 -1.67 20.97 -7.23
CA VAL B 223 -0.93 20.05 -6.39
C VAL B 223 -1.81 19.53 -5.25
N ILE B 224 -1.96 18.20 -5.15
CA ILE B 224 -2.80 17.60 -4.12
C ILE B 224 -1.99 16.61 -3.28
N SER B 225 -2.55 16.10 -2.19
CA SER B 225 -1.89 15.07 -1.40
C SER B 225 -1.70 13.79 -2.19
N SER B 226 -0.59 13.10 -1.92
CA SER B 226 -0.30 11.83 -2.57
C SER B 226 -1.14 10.68 -2.00
N SER B 227 -1.94 10.99 -0.98
CA SER B 227 -2.80 10.00 -0.34
C SER B 227 -4.21 10.10 -0.92
N SER B 228 -4.40 11.08 -1.80
CA SER B 228 -5.68 11.22 -2.47
C SER B 228 -5.80 10.28 -3.68
N THR B 229 -7.03 9.88 -4.00
CA THR B 229 -7.30 9.13 -5.22
C THR B 229 -7.93 10.05 -6.26
N ILE B 230 -7.51 9.92 -7.51
CA ILE B 230 -8.12 10.64 -8.61
C ILE B 230 -9.01 9.67 -9.37
N ARG B 231 -10.11 10.16 -9.94
CA ARG B 231 -10.99 9.32 -10.76
C ARG B 231 -11.50 10.08 -11.97
N LEU B 232 -11.17 9.60 -13.17
CA LEU B 232 -11.56 10.29 -14.40
C LEU B 232 -12.82 9.67 -15.01
N LYS B 233 -13.79 10.51 -15.34
CA LYS B 233 -15.06 10.03 -15.90
C LYS B 233 -15.35 10.73 -17.22
N PHE B 234 -15.89 9.99 -18.19
CA PHE B 234 -16.08 10.54 -19.53
C PHE B 234 -17.52 10.36 -19.96
N SER B 235 -17.91 11.01 -21.06
CA SER B 235 -19.30 10.95 -21.50
C SER B 235 -19.54 9.96 -22.64
N HIS B 236 -19.31 10.41 -23.86
CA HIS B 236 -19.52 9.58 -25.05
C HIS B 236 -18.25 9.54 -25.88
N ILE B 237 -17.92 8.35 -26.38
CA ILE B 237 -16.65 8.18 -27.05
C ILE B 237 -16.82 7.86 -28.53
N THR B 238 -16.22 8.71 -29.37
CA THR B 238 -16.17 8.46 -30.80
C THR B 238 -14.70 8.21 -31.14
N SER B 239 -13.85 9.13 -30.69
CA SER B 239 -12.42 9.02 -30.89
C SER B 239 -11.79 8.12 -29.84
N ASP B 240 -10.72 7.41 -30.23
CA ASP B 240 -9.91 6.65 -29.29
C ASP B 240 -9.38 7.51 -28.16
N LEU B 241 -9.55 7.02 -26.94
CA LEU B 241 -9.11 7.71 -25.74
C LEU B 241 -8.06 6.85 -25.06
N GLU B 242 -6.99 7.45 -24.57
CA GLU B 242 -5.85 6.65 -24.14
C GLU B 242 -5.11 7.15 -22.90
N ILE B 243 -4.35 6.24 -22.30
CA ILE B 243 -3.61 6.47 -21.06
C ILE B 243 -2.19 5.94 -21.23
N SER B 244 -1.19 6.78 -20.95
CA SER B 244 0.21 6.42 -21.08
C SER B 244 0.94 6.55 -19.75
N CYS B 245 1.67 5.51 -19.40
CA CYS B 245 2.48 5.52 -18.20
C CYS B 245 3.92 5.60 -18.62
N ASP B 246 4.63 6.59 -18.08
CA ASP B 246 6.06 6.77 -18.31
C ASP B 246 6.49 6.66 -19.77
N SER B 247 5.69 7.23 -20.66
CA SER B 247 5.95 7.16 -22.10
C SER B 247 6.12 5.73 -22.56
N GLN B 248 5.13 4.91 -22.26
CA GLN B 248 5.03 3.61 -22.89
C GLN B 248 3.92 3.71 -23.91
N ILE B 249 3.75 2.67 -24.73
CA ILE B 249 2.66 2.68 -25.70
C ILE B 249 1.39 2.77 -24.89
N ALA B 250 0.48 3.63 -25.32
CA ALA B 250 -0.79 3.81 -24.64
C ALA B 250 -1.61 2.53 -24.50
N LEU B 251 -2.42 2.49 -23.46
CA LEU B 251 -3.51 1.54 -23.34
C LEU B 251 -4.80 2.31 -23.61
N PRO B 252 -5.82 1.62 -24.14
CA PRO B 252 -7.02 2.35 -24.54
C PRO B 252 -8.05 2.47 -23.43
N ILE B 253 -8.93 3.46 -23.48
CA ILE B 253 -10.09 3.50 -22.58
C ILE B 253 -11.39 3.41 -23.37
N GLN B 254 -12.12 2.33 -23.13
CA GLN B 254 -13.32 2.04 -23.90
C GLN B 254 -14.46 2.92 -23.42
N GLU B 255 -15.59 2.90 -24.12
CA GLU B 255 -16.77 3.66 -23.68
C GLU B 255 -17.33 3.10 -22.38
N GLY B 256 -17.56 3.99 -21.41
CA GLY B 256 -18.13 3.61 -20.14
C GLY B 256 -17.08 3.43 -19.06
N GLU B 257 -15.86 3.11 -19.48
CA GLU B 257 -14.80 2.84 -18.53
C GLU B 257 -14.36 4.14 -17.85
N GLU B 258 -13.69 4.00 -16.72
CA GLU B 258 -13.20 5.14 -15.98
C GLU B 258 -11.80 4.84 -15.51
N VAL B 259 -10.95 5.85 -15.53
CA VAL B 259 -9.58 5.72 -15.04
C VAL B 259 -9.54 6.02 -13.55
N LEU B 260 -8.75 5.25 -12.81
CA LEU B 260 -8.58 5.44 -11.39
C LEU B 260 -7.08 5.54 -11.12
N ILE B 261 -6.65 6.64 -10.52
CA ILE B 261 -5.23 6.81 -10.27
C ILE B 261 -4.97 7.08 -8.82
N ARG B 262 -4.00 6.38 -8.25
CA ARG B 262 -3.69 6.55 -6.85
C ARG B 262 -2.23 6.25 -6.60
N ARG B 263 -1.78 6.46 -5.37
CA ARG B 263 -0.41 6.14 -5.01
C ARG B 263 -0.30 4.63 -5.02
N SER B 264 0.78 4.13 -5.60
CA SER B 264 1.03 2.70 -5.58
C SER B 264 1.73 2.32 -4.29
N ASP B 265 1.62 1.05 -3.93
CA ASP B 265 2.26 0.53 -2.72
C ASP B 265 3.71 0.15 -3.01
N PHE B 266 4.11 0.36 -4.26
CA PHE B 266 5.47 0.11 -4.67
C PHE B 266 6.25 1.42 -4.63
N HIS B 267 7.48 1.35 -4.14
CA HIS B 267 8.33 2.53 -4.01
C HIS B 267 9.75 2.15 -4.38
N LEU B 268 10.46 3.04 -5.06
CA LEU B 268 11.84 2.79 -5.47
C LEU B 268 12.82 3.12 -4.36
N ASN B 269 13.45 2.09 -3.81
CA ASN B 269 14.44 2.28 -2.77
C ASN B 269 15.76 2.78 -3.34
N LEU B 270 15.75 4.04 -3.76
CA LEU B 270 16.88 4.68 -4.42
C LEU B 270 17.91 5.09 -3.38
N ILE B 271 19.20 4.88 -3.66
CA ILE B 271 20.24 5.40 -2.79
C ILE B 271 21.18 6.33 -3.54
N HIS B 272 21.97 7.10 -2.79
CA HIS B 272 22.84 8.13 -3.38
C HIS B 272 24.15 8.15 -2.63
N PRO B 273 25.20 8.73 -3.24
CA PRO B 273 26.44 8.94 -2.49
C PRO B 273 26.29 10.12 -1.52
N LYS B 274 27.18 10.25 -0.54
CA LYS B 274 27.06 11.32 0.47
C LYS B 274 27.14 12.73 -0.11
N ASP B 275 27.89 12.89 -1.19
CA ASP B 275 28.03 14.20 -1.83
C ASP B 275 26.79 14.64 -2.58
N TYR B 276 25.85 13.71 -2.80
CA TYR B 276 24.61 14.02 -3.53
C TYR B 276 23.74 15.05 -2.83
N SER B 277 23.15 15.92 -3.65
CA SER B 277 22.12 16.84 -3.19
C SER B 277 21.20 17.14 -4.36
N TYR B 278 19.91 17.08 -4.11
CA TYR B 278 18.92 17.22 -5.17
C TYR B 278 18.99 18.60 -5.85
N PHE B 279 19.16 19.65 -5.04
CA PHE B 279 19.23 21.02 -5.57
C PHE B 279 20.43 21.26 -6.45
N ASN B 280 21.55 20.62 -6.12
CA ASN B 280 22.69 20.67 -7.00
C ASN B 280 22.39 20.01 -8.35
N THR B 281 21.72 18.86 -8.30
CA THR B 281 21.30 18.15 -9.50
C THR B 281 20.28 19.01 -10.24
N LEU B 282 19.29 19.52 -9.50
CA LEU B 282 18.23 20.32 -10.08
C LEU B 282 18.81 21.52 -10.80
N SER B 283 19.66 22.26 -10.09
CA SER B 283 20.20 23.52 -10.60
C SER B 283 21.14 23.29 -11.78
N THR B 284 21.87 22.19 -11.78
CA THR B 284 22.70 21.83 -12.94
C THR B 284 21.88 21.41 -14.16
N LYS B 285 20.82 20.65 -13.93
CA LYS B 285 19.93 20.24 -15.02
C LYS B 285 19.23 21.45 -15.62
N LEU B 286 18.79 22.38 -14.77
CA LEU B 286 17.99 23.49 -15.26
C LEU B 286 18.83 24.72 -15.53
N GLY B 287 20.14 24.62 -15.33
CA GLY B 287 21.03 25.76 -15.48
C GLY B 287 20.64 26.90 -14.55
N TRP B 288 20.59 26.62 -13.25
CA TRP B 288 20.34 27.66 -12.25
C TRP B 288 21.64 28.23 -11.69
N SER B 289 21.56 29.43 -11.12
CA SER B 289 22.73 30.11 -10.54
C SER B 289 23.33 29.35 -9.39
N LYS B 290 24.64 29.19 -9.43
CA LYS B 290 25.35 28.55 -8.34
C LYS B 290 25.63 29.60 -7.30
N LYS B 291 26.46 29.26 -6.32
CA LYS B 291 26.81 30.19 -5.26
C LYS B 291 27.33 31.51 -5.84
N LEU B 292 27.02 32.61 -5.17
CA LEU B 292 27.32 33.92 -5.74
C LEU B 292 28.10 34.85 -4.80
N PHE B 293 28.20 34.49 -3.52
CA PHE B 293 28.98 35.29 -2.58
C PHE B 293 30.21 34.51 -2.12
C ACY C . 9.68 -8.49 23.32
C ACY C . 11.18 -8.49 24.00
O ACY C . 9.18 -9.62 23.05
O ACY C . 12.31 -8.81 23.57
OXT ACY C . 9.29 -7.41 22.80
OXT ACY C . 10.95 -8.22 25.20
CH3 ACY C . 10.80 -8.44 24.32
CH3 ACY C . 10.05 -8.41 23.03
C ACY D . -33.03 -3.04 16.14
O ACY D . -31.89 -3.26 16.58
OXT ACY D . -34.03 -2.85 16.86
CH3 ACY D . -33.21 -3.01 14.65
C ACY E . -20.38 -14.77 2.19
O ACY E . -19.39 -14.46 1.49
OXT ACY E . -20.34 -14.78 3.45
CH3 ACY E . -21.68 -15.15 1.54
S SO4 F . 16.12 -15.45 25.84
O1 SO4 F . 16.50 -15.98 24.54
O2 SO4 F . 17.01 -14.34 26.17
O3 SO4 F . 14.74 -14.95 25.84
O4 SO4 F . 16.28 -16.51 26.85
C ACY G . -6.86 22.51 -13.61
O ACY G . -7.76 22.50 -14.48
OXT ACY G . -6.57 23.53 -12.98
CH3 ACY G . -6.10 21.24 -13.31
C ACY H . 3.17 -1.95 -16.00
O ACY H . 3.20 -0.77 -16.44
OXT ACY H . 3.58 -2.25 -14.85
CH3 ACY H . 2.58 -3.02 -16.90
C ACY I . 14.79 -8.60 -19.15
O ACY I . 15.96 -8.93 -19.38
OXT ACY I . 14.18 -8.84 -18.09
CH3 ACY I . 14.04 -7.86 -20.23
C ACY J . -2.15 26.81 -18.55
O ACY J . -2.74 27.90 -18.70
OXT ACY J . -2.08 26.19 -17.45
CH3 ACY J . -1.49 26.19 -19.75
C ACY K . 1.40 23.65 -23.13
O ACY K . 1.61 24.65 -22.40
OXT ACY K . 0.29 23.04 -23.17
CH3 ACY K . 2.55 23.14 -23.97
C ACY L . 15.14 -8.53 -0.84
O ACY L . 14.32 -8.57 -1.79
OXT ACY L . 15.88 -7.55 -0.58
CH3 ACY L . 15.23 -9.75 0.05
C ACY M . 8.52 10.50 -19.16
O ACY M . 8.27 9.90 -20.23
OXT ACY M . 8.32 10.00 -18.04
CH3 ACY M . 9.08 11.89 -19.23
S SO4 N . -13.84 24.20 -19.82
O1 SO4 N . -14.85 23.14 -19.75
O2 SO4 N . -12.51 23.64 -19.59
O3 SO4 N . -13.90 24.86 -21.13
O4 SO4 N . -14.13 25.16 -18.76
C ACY O . -20.13 14.55 -5.42
O ACY O . -19.78 15.72 -5.13
OXT ACY O . -20.79 14.27 -6.44
CH3 ACY O . -19.73 13.42 -4.49
#